data_5AGR
#
_entry.id   5AGR
#
_cell.length_a   44.330
_cell.length_b   61.850
_cell.length_c   77.080
_cell.angle_alpha   90.00
_cell.angle_beta   90.00
_cell.angle_gamma   90.00
#
_symmetry.space_group_name_H-M   'P 21 21 21'
#
loop_
_entity.id
_entity.type
_entity.pdbx_description
1 polymer 'LEUCINE--TRNA LIGASE'
2 non-polymer METHIONINE
3 non-polymer LEUCINE
4 non-polymer '3-AMINOMETHYL-7-(ETHOXY)-3H-BENZO[C][1,2]OXABOROL-1-OL modified adenosine'
5 non-polymer 1,2-ETHANEDIOL
6 water water
#
_entity_poly.entity_id   1
_entity_poly.type   'polypeptide(L)'
_entity_poly.pdbx_seq_one_letter_code
;MKHHHHHHPMSDYDIPTTENLYFQGAMGRSTGAVALFSARAASDDGFEVDIEVFTTRPDTLFGATYLVLAPEHDLVDELV
AASWPAGVNPLWTYGGGTPGEAIAAYRRAIAAKSDLERQESREKTGVFLGSYAINPANGEPVPIFIADYVLAGYGTGAIM
AVPGHDQRDWDFARAFGLPIVEVIAGGNISESAYTGDGILVNSDYLNGMSVPAAKRAIVDRLESAGRGRARI
;
_entity_poly.pdbx_strand_id   A
#
# COMPACT_ATOMS: atom_id res chain seq x y z
N GLY A 32 -1.30 -7.57 -14.79
CA GLY A 32 -1.12 -7.28 -13.38
C GLY A 32 -0.49 -8.41 -12.59
N ALA A 33 -0.54 -8.29 -11.26
CA ALA A 33 0.02 -9.28 -10.36
C ALA A 33 -0.71 -9.25 -9.03
N VAL A 34 -0.76 -10.41 -8.38
CA VAL A 34 -1.12 -10.44 -6.97
C VAL A 34 0.14 -10.76 -6.18
N ALA A 35 0.28 -10.15 -5.01
CA ALA A 35 1.43 -10.39 -4.16
C ALA A 35 1.00 -10.39 -2.71
N LEU A 36 1.73 -11.16 -1.90
CA LEU A 36 1.50 -11.23 -0.47
C LEU A 36 2.47 -10.34 0.28
N PHE A 37 1.93 -9.64 1.28
CA PHE A 37 2.73 -8.96 2.30
C PHE A 37 2.42 -9.63 3.64
N SER A 38 3.45 -10.15 4.31
CA SER A 38 3.29 -10.76 5.63
CA SER A 38 3.27 -10.76 5.63
C SER A 38 3.05 -9.71 6.70
N ALA A 39 2.15 -9.98 7.65
CA ALA A 39 2.06 -9.15 8.85
C ALA A 39 3.38 -9.28 9.62
N ARG A 40 3.91 -8.18 10.17
CA ARG A 40 5.16 -8.22 10.95
CA ARG A 40 5.15 -8.22 10.94
C ARG A 40 4.95 -8.95 12.27
N ALA A 41 3.79 -8.68 12.91
CA ALA A 41 3.43 -9.34 14.16
C ALA A 41 2.40 -10.44 13.91
N VAL A 49 -0.38 -14.12 9.23
CA VAL A 49 -1.40 -13.39 8.48
C VAL A 49 -0.77 -12.77 7.22
N ASP A 50 -1.31 -13.10 6.06
CA ASP A 50 -0.84 -12.52 4.79
C ASP A 50 -1.89 -11.60 4.20
N ILE A 51 -1.43 -10.44 3.73
CA ILE A 51 -2.31 -9.49 3.05
C ILE A 51 -2.01 -9.60 1.55
N GLU A 52 -3.02 -10.00 0.79
CA GLU A 52 -2.89 -10.10 -0.65
C GLU A 52 -3.29 -8.79 -1.32
N VAL A 53 -2.40 -8.24 -2.12
CA VAL A 53 -2.68 -7.03 -2.89
C VAL A 53 -2.76 -7.35 -4.38
N PHE A 54 -3.53 -6.55 -5.11
CA PHE A 54 -3.51 -6.59 -6.57
C PHE A 54 -2.89 -5.31 -7.09
N THR A 55 -1.91 -5.47 -7.98
CA THR A 55 -1.24 -4.33 -8.59
C THR A 55 -1.06 -4.48 -10.09
N THR A 56 -1.20 -3.38 -10.83
CA THR A 56 -0.86 -3.36 -12.25
C THR A 56 0.58 -2.89 -12.46
N ARG A 57 1.27 -2.57 -11.37
CA ARG A 57 2.67 -2.11 -11.44
C ARG A 57 3.55 -2.87 -10.44
N PRO A 58 3.69 -4.20 -10.63
CA PRO A 58 4.54 -4.95 -9.69
C PRO A 58 6.00 -4.51 -9.75
N ASP A 59 6.41 -3.92 -10.88
CA ASP A 59 7.76 -3.38 -11.04
C ASP A 59 8.10 -2.32 -9.98
N THR A 60 7.09 -1.71 -9.37
CA THR A 60 7.31 -0.64 -8.40
C THR A 60 7.36 -1.12 -6.95
N LEU A 61 7.47 -2.42 -6.73
N LEU A 61 7.49 -2.43 -6.75
CA LEU A 61 7.41 -2.99 -5.39
CA LEU A 61 7.43 -3.05 -5.43
C LEU A 61 8.41 -2.38 -4.40
C LEU A 61 8.41 -2.43 -4.42
N PHE A 62 9.61 -2.05 -4.87
CA PHE A 62 10.60 -1.46 -3.95
C PHE A 62 10.23 -0.03 -3.51
N GLY A 63 9.22 0.54 -4.16
CA GLY A 63 8.67 1.83 -3.78
C GLY A 63 7.39 1.79 -2.98
N ALA A 64 6.95 0.60 -2.58
CA ALA A 64 5.72 0.48 -1.78
C ALA A 64 6.05 0.78 -0.32
N THR A 65 5.54 1.91 0.17
CA THR A 65 5.93 2.43 1.49
C THR A 65 4.83 2.30 2.55
N TYR A 66 3.65 1.84 2.13
CA TYR A 66 2.56 1.55 3.09
C TYR A 66 1.53 0.65 2.37
N LEU A 67 0.63 0.04 3.13
CA LEU A 67 -0.46 -0.74 2.57
C LEU A 67 -1.77 -0.10 2.93
N VAL A 68 -2.77 -0.25 2.05
CA VAL A 68 -4.10 0.26 2.33
C VAL A 68 -5.13 -0.83 2.07
N LEU A 69 -5.95 -1.07 3.09
CA LEU A 69 -7.07 -2.01 3.00
C LEU A 69 -8.36 -1.23 2.91
N ALA A 70 -9.34 -1.79 2.21
CA ALA A 70 -10.68 -1.22 2.23
C ALA A 70 -11.18 -1.23 3.69
N PRO A 71 -11.98 -0.22 4.09
CA PRO A 71 -12.41 -0.16 5.48
C PRO A 71 -13.18 -1.40 5.93
N GLU A 72 -13.82 -2.09 4.99
CA GLU A 72 -14.64 -3.27 5.25
C GLU A 72 -13.88 -4.59 5.07
N HIS A 73 -12.58 -4.49 4.75
CA HIS A 73 -11.75 -5.67 4.54
C HIS A 73 -11.78 -6.58 5.76
N ASP A 74 -11.94 -7.89 5.53
CA ASP A 74 -12.07 -8.91 6.57
CA ASP A 74 -12.14 -8.78 6.66
C ASP A 74 -10.91 -8.99 7.55
N LEU A 75 -9.72 -8.61 7.10
CA LEU A 75 -8.52 -8.70 7.94
C LEU A 75 -8.30 -7.52 8.87
N VAL A 76 -9.05 -6.44 8.67
CA VAL A 76 -8.83 -5.22 9.45
C VAL A 76 -8.91 -5.46 10.96
N ASP A 77 -9.99 -6.10 11.40
CA ASP A 77 -10.20 -6.32 12.84
C ASP A 77 -9.09 -7.16 13.46
N GLU A 78 -8.56 -8.09 12.67
CA GLU A 78 -7.47 -8.98 13.04
CA GLU A 78 -7.49 -8.96 13.15
C GLU A 78 -6.13 -8.24 13.21
N LEU A 79 -5.96 -7.22 12.39
CA LEU A 79 -4.68 -6.49 12.30
C LEU A 79 -4.60 -5.28 13.22
N VAL A 80 -5.74 -4.84 13.74
CA VAL A 80 -5.80 -3.65 14.60
C VAL A 80 -5.02 -3.87 15.90
N ALA A 81 -4.05 -3.01 16.17
CA ALA A 81 -3.24 -3.09 17.39
C ALA A 81 -4.00 -2.61 18.62
N ALA A 82 -3.58 -3.06 19.79
CA ALA A 82 -4.25 -2.68 21.05
C ALA A 82 -4.01 -1.21 21.42
N SER A 83 -2.84 -0.70 21.05
CA SER A 83 -2.45 0.69 21.38
CA SER A 83 -2.47 0.69 21.37
C SER A 83 -1.66 1.32 20.25
N TRP A 84 -1.60 2.65 20.24
CA TRP A 84 -0.76 3.36 19.27
C TRP A 84 0.71 3.17 19.63
N PRO A 85 1.59 3.11 18.61
CA PRO A 85 3.03 3.17 18.88
C PRO A 85 3.40 4.52 19.48
N ALA A 86 4.43 4.54 20.32
CA ALA A 86 4.93 5.80 20.87
C ALA A 86 5.33 6.73 19.73
N GLY A 87 4.97 8.00 19.85
CA GLY A 87 5.34 9.02 18.87
C GLY A 87 4.63 8.94 17.53
N VAL A 88 3.47 8.27 17.50
CA VAL A 88 2.64 8.20 16.28
C VAL A 88 2.25 9.60 15.82
N ASN A 89 2.28 9.81 14.52
CA ASN A 89 1.78 11.04 13.91
C ASN A 89 0.29 11.16 14.21
N PRO A 90 -0.14 12.25 14.90
CA PRO A 90 -1.56 12.43 15.22
C PRO A 90 -2.48 12.42 14.01
N LEU A 91 -1.95 12.77 12.83
CA LEU A 91 -2.75 12.73 11.60
C LEU A 91 -3.20 11.33 11.24
N TRP A 92 -2.52 10.32 11.79
CA TRP A 92 -2.78 8.93 11.47
C TRP A 92 -3.85 8.29 12.32
N THR A 93 -4.26 8.96 13.40
CA THR A 93 -5.04 8.32 14.46
C THR A 93 -6.54 8.64 14.44
N TYR A 94 -6.96 9.52 13.54
CA TYR A 94 -8.37 9.95 13.47
C TYR A 94 -8.88 10.54 14.79
N GLY A 95 -7.97 11.02 15.64
CA GLY A 95 -8.33 11.52 16.96
C GLY A 95 -8.84 10.47 17.95
N GLY A 96 -8.63 9.19 17.63
CA GLY A 96 -9.06 8.10 18.51
C GLY A 96 -8.00 7.73 19.53
N GLY A 97 -8.43 7.36 20.74
CA GLY A 97 -7.50 7.00 21.82
C GLY A 97 -6.75 5.70 21.59
N THR A 98 -7.39 4.79 20.86
CA THR A 98 -6.77 3.51 20.50
C THR A 98 -7.08 3.27 19.02
N PRO A 99 -6.31 2.38 18.37
CA PRO A 99 -6.62 2.01 16.99
C PRO A 99 -8.05 1.48 16.80
N GLY A 100 -8.52 0.64 17.72
CA GLY A 100 -9.86 0.08 17.61
C GLY A 100 -10.95 1.15 17.64
N GLU A 101 -10.81 2.11 18.54
CA GLU A 101 -11.76 3.22 18.61
C GLU A 101 -11.73 4.07 17.34
N ALA A 102 -10.53 4.31 16.84
CA ALA A 102 -10.35 5.10 15.64
C ALA A 102 -10.96 4.44 14.39
N ILE A 103 -10.77 3.12 14.27
CA ILE A 103 -11.33 2.36 13.14
C ILE A 103 -12.86 2.35 13.21
N ALA A 104 -13.40 2.16 14.41
CA ALA A 104 -14.86 2.20 14.57
C ALA A 104 -15.44 3.56 14.20
N ALA A 105 -14.76 4.63 14.61
CA ALA A 105 -15.18 5.99 14.29
C ALA A 105 -15.10 6.27 12.80
N TYR A 106 -14.02 5.82 12.15
CA TYR A 106 -13.87 6.01 10.71
C TYR A 106 -14.99 5.30 9.95
N ARG A 107 -15.29 4.06 10.32
CA ARG A 107 -16.37 3.32 9.68
C ARG A 107 -17.71 4.02 9.87
N ARG A 108 -17.95 4.56 11.08
CA ARG A 108 -19.20 5.27 11.35
C ARG A 108 -19.25 6.59 10.56
N ALA A 109 -18.14 7.31 10.54
CA ALA A 109 -18.08 8.60 9.85
C ALA A 109 -18.31 8.49 8.35
N ILE A 110 -17.64 7.53 7.70
CA ILE A 110 -17.73 7.49 6.25
C ILE A 110 -19.14 7.06 5.81
N ALA A 111 -19.91 6.44 6.70
CA ALA A 111 -21.33 6.14 6.43
C ALA A 111 -22.16 7.43 6.30
N ALA A 112 -21.65 8.53 6.85
CA ALA A 112 -22.32 9.83 6.66
C ALA A 112 -21.98 10.52 5.33
N LYS A 113 -21.06 9.94 4.57
CA LYS A 113 -20.78 10.44 3.23
C LYS A 113 -21.92 10.06 2.28
N SER A 114 -22.11 10.87 1.25
CA SER A 114 -23.14 10.62 0.24
C SER A 114 -22.44 10.31 -1.08
N ASP A 115 -23.21 10.08 -2.14
CA ASP A 115 -22.62 9.88 -3.46
C ASP A 115 -21.73 11.05 -3.85
N LEU A 116 -22.11 12.25 -3.40
CA LEU A 116 -21.36 13.45 -3.72
C LEU A 116 -19.92 13.36 -3.24
N GLU A 117 -19.72 12.93 -2.00
CA GLU A 117 -18.38 12.83 -1.44
C GLU A 117 -17.60 11.67 -2.05
N ARG A 118 -18.29 10.56 -2.28
CA ARG A 118 -17.65 9.35 -2.83
CA ARG A 118 -17.68 9.34 -2.84
C ARG A 118 -17.12 9.56 -4.24
N GLN A 119 -17.68 10.53 -4.96
CA GLN A 119 -17.24 10.82 -6.32
C GLN A 119 -16.44 12.12 -6.36
N LYS A 124 -8.14 12.80 0.58
CA LYS A 124 -7.77 11.50 1.10
C LYS A 124 -7.86 11.45 2.63
N THR A 125 -8.66 10.51 3.15
CA THR A 125 -8.81 10.29 4.59
C THR A 125 -8.47 8.84 4.88
N GLY A 126 -8.26 8.50 6.15
CA GLY A 126 -7.89 7.13 6.51
C GLY A 126 -7.37 7.06 7.92
N VAL A 127 -7.04 5.84 8.34
CA VAL A 127 -6.61 5.57 9.70
C VAL A 127 -5.57 4.46 9.70
N PHE A 128 -4.51 4.68 10.47
CA PHE A 128 -3.46 3.69 10.72
C PHE A 128 -4.01 2.59 11.64
N LEU A 129 -3.70 1.33 11.33
CA LEU A 129 -4.17 0.23 12.16
C LEU A 129 -3.31 0.01 13.39
N GLY A 130 -2.16 0.68 13.45
CA GLY A 130 -1.23 0.51 14.56
C GLY A 130 -0.27 -0.63 14.33
N SER A 131 -0.34 -1.26 13.16
CA SER A 131 0.44 -2.44 12.82
C SER A 131 1.14 -2.33 11.47
N TYR A 132 2.09 -3.23 11.25
CA TYR A 132 2.97 -3.20 10.08
C TYR A 132 2.93 -4.50 9.32
N ALA A 133 3.19 -4.39 8.01
CA ALA A 133 3.41 -5.55 7.17
C ALA A 133 4.85 -5.48 6.66
N ILE A 134 5.34 -6.58 6.11
CA ILE A 134 6.69 -6.64 5.58
C ILE A 134 6.64 -6.59 4.05
N ASN A 135 7.32 -5.61 3.47
CA ASN A 135 7.46 -5.52 2.03
C ASN A 135 8.33 -6.69 1.57
N PRO A 136 7.80 -7.57 0.70
CA PRO A 136 8.58 -8.78 0.39
C PRO A 136 9.83 -8.50 -0.46
N ALA A 137 9.88 -7.37 -1.15
CA ALA A 137 11.04 -7.05 -1.98
C ALA A 137 12.25 -6.63 -1.16
N ASN A 138 12.03 -5.72 -0.21
CA ASN A 138 13.14 -5.15 0.55
C ASN A 138 13.18 -5.56 2.01
N GLY A 139 12.17 -6.32 2.46
CA GLY A 139 12.10 -6.78 3.85
C GLY A 139 11.75 -5.72 4.87
N GLU A 140 11.38 -4.53 4.40
CA GLU A 140 11.12 -3.40 5.29
C GLU A 140 9.70 -3.41 5.84
N PRO A 141 9.55 -2.99 7.12
CA PRO A 141 8.20 -2.85 7.64
C PRO A 141 7.52 -1.64 7.00
N VAL A 142 6.25 -1.81 6.68
CA VAL A 142 5.45 -0.71 6.16
C VAL A 142 4.13 -0.63 6.95
N PRO A 143 3.70 0.60 7.29
CA PRO A 143 2.46 0.73 8.08
C PRO A 143 1.21 0.35 7.27
N ILE A 144 0.22 -0.21 7.96
CA ILE A 144 -1.04 -0.63 7.35
C ILE A 144 -2.13 0.37 7.72
N PHE A 145 -2.84 0.85 6.71
CA PHE A 145 -3.96 1.76 6.88
C PHE A 145 -5.25 1.17 6.34
N ILE A 146 -6.38 1.67 6.83
CA ILE A 146 -7.61 1.64 6.03
C ILE A 146 -7.90 3.02 5.47
N ALA A 147 -8.52 3.06 4.30
CA ALA A 147 -8.87 4.33 3.67
C ALA A 147 -9.96 4.07 2.64
N ASP A 148 -10.94 4.95 2.59
CA ASP A 148 -12.07 4.72 1.71
C ASP A 148 -11.77 4.91 0.21
N TYR A 149 -10.54 5.31 -0.14
CA TYR A 149 -10.15 5.33 -1.55
C TYR A 149 -9.90 3.94 -2.11
N VAL A 150 -9.80 2.95 -1.22
CA VAL A 150 -9.66 1.54 -1.62
C VAL A 150 -11.02 0.86 -1.46
N LEU A 151 -11.49 0.26 -2.55
CA LEU A 151 -12.83 -0.34 -2.63
C LEU A 151 -12.81 -1.81 -2.23
N ALA A 152 -13.73 -2.21 -1.36
CA ALA A 152 -13.76 -3.56 -0.80
C ALA A 152 -14.00 -4.68 -1.82
N GLY A 153 -14.87 -4.40 -2.78
CA GLY A 153 -15.30 -5.44 -3.73
C GLY A 153 -14.53 -5.50 -5.03
N TYR A 154 -13.36 -4.88 -5.07
CA TYR A 154 -12.54 -4.81 -6.27
C TYR A 154 -11.14 -5.37 -6.03
N GLY A 155 -10.66 -6.15 -6.99
CA GLY A 155 -9.34 -6.79 -6.85
C GLY A 155 -9.34 -7.70 -5.64
N THR A 156 -8.43 -7.44 -4.70
CA THR A 156 -8.39 -8.19 -3.44
C THR A 156 -8.93 -7.34 -2.29
N GLY A 157 -9.36 -6.11 -2.59
CA GLY A 157 -9.76 -5.16 -1.54
C GLY A 157 -8.59 -4.56 -0.77
N ALA A 158 -7.37 -4.75 -1.27
CA ALA A 158 -6.19 -4.17 -0.66
C ALA A 158 -5.18 -3.78 -1.74
N ILE A 159 -4.43 -2.72 -1.46
CA ILE A 159 -3.39 -2.25 -2.37
C ILE A 159 -2.06 -2.12 -1.66
N MET A 160 -0.99 -2.23 -2.43
CA MET A 160 0.28 -1.66 -1.98
C MET A 160 0.29 -0.21 -2.47
N ALA A 161 0.79 0.70 -1.64
CA ALA A 161 0.81 2.11 -2.00
C ALA A 161 2.20 2.55 -2.41
N VAL A 162 2.29 3.13 -3.61
CA VAL A 162 3.55 3.57 -4.20
C VAL A 162 3.38 5.04 -4.55
N PRO A 163 3.60 5.93 -3.57
CA PRO A 163 3.34 7.35 -3.80
C PRO A 163 4.20 7.94 -4.91
N GLY A 164 5.38 7.38 -5.16
CA GLY A 164 6.23 7.88 -6.23
C GLY A 164 5.60 7.77 -7.60
N HIS A 165 4.67 6.83 -7.79
CA HIS A 165 4.28 6.41 -9.14
C HIS A 165 2.79 6.25 -9.37
N ASP A 166 2.01 6.51 -8.32
CA ASP A 166 0.56 6.48 -8.38
C ASP A 166 0.07 7.75 -7.72
N GLN A 167 -0.61 8.62 -8.47
CA GLN A 167 -1.02 9.92 -7.95
C GLN A 167 -1.96 9.83 -6.76
N ARG A 168 -2.79 8.79 -6.74
CA ARG A 168 -3.70 8.59 -5.62
C ARG A 168 -2.91 8.35 -4.33
N ASP A 169 -1.86 7.55 -4.42
CA ASP A 169 -0.99 7.28 -3.28
C ASP A 169 -0.12 8.48 -2.94
N TRP A 170 0.30 9.23 -3.96
CA TRP A 170 1.07 10.46 -3.77
C TRP A 170 0.25 11.45 -2.92
N ASP A 171 -1.01 11.64 -3.31
CA ASP A 171 -1.92 12.55 -2.58
C ASP A 171 -2.10 12.10 -1.11
N PHE A 172 -2.32 10.81 -0.92
CA PHE A 172 -2.49 10.28 0.43
C PHE A 172 -1.21 10.47 1.25
N ALA A 173 -0.05 10.13 0.67
CA ALA A 173 1.21 10.23 1.39
C ALA A 173 1.53 11.67 1.76
N ARG A 174 1.21 12.61 0.87
CA ARG A 174 1.45 14.02 1.16
C ARG A 174 0.58 14.51 2.33
N ALA A 175 -0.67 14.05 2.36
CA ALA A 175 -1.60 14.45 3.41
C ALA A 175 -1.24 13.86 4.78
N PHE A 176 -0.72 12.64 4.78
CA PHE A 176 -0.45 11.89 6.00
C PHE A 176 0.99 11.97 6.47
N GLY A 177 1.90 12.41 5.59
CA GLY A 177 3.32 12.41 5.92
C GLY A 177 3.90 11.00 5.86
N LEU A 178 3.62 10.31 4.76
CA LEU A 178 4.20 8.99 4.51
C LEU A 178 5.36 9.11 3.52
N PRO A 179 6.32 8.17 3.56
CA PRO A 179 7.47 8.23 2.66
C PRO A 179 7.09 8.12 1.18
N ILE A 180 7.75 8.94 0.37
CA ILE A 180 7.58 8.92 -1.08
C ILE A 180 8.94 8.60 -1.70
N VAL A 181 9.01 7.46 -2.38
CA VAL A 181 10.26 6.89 -2.88
C VAL A 181 10.22 6.73 -4.38
N GLU A 182 11.27 7.17 -5.05
CA GLU A 182 11.38 7.00 -6.50
C GLU A 182 11.98 5.66 -6.84
N VAL A 183 11.27 4.88 -7.64
CA VAL A 183 11.84 3.64 -8.18
C VAL A 183 11.86 3.59 -9.71
N ILE A 184 11.13 4.49 -10.37
CA ILE A 184 11.16 4.60 -11.83
C ILE A 184 11.70 5.99 -12.16
N ALA A 185 12.92 6.06 -12.69
CA ALA A 185 13.50 7.32 -13.13
C ALA A 185 12.79 7.76 -14.40
N GLY A 186 12.55 9.06 -14.52
CA GLY A 186 11.87 9.60 -15.69
C GLY A 186 11.13 10.89 -15.41
N GLY A 187 10.65 11.04 -14.17
CA GLY A 187 9.87 12.22 -13.78
C GLY A 187 10.50 13.00 -12.65
N ASN A 188 9.66 13.66 -11.87
CA ASN A 188 10.09 14.42 -10.73
C ASN A 188 9.09 14.23 -9.60
N ILE A 189 9.41 13.33 -8.69
CA ILE A 189 8.45 12.92 -7.66
C ILE A 189 8.15 14.00 -6.63
N SER A 190 8.98 15.04 -6.60
CA SER A 190 8.73 16.20 -5.74
C SER A 190 7.55 17.04 -6.24
N GLU A 191 7.22 16.92 -7.53
CA GLU A 191 6.10 17.67 -8.08
C GLU A 191 4.81 16.86 -8.26
N SER A 192 4.94 15.59 -8.65
CA SER A 192 3.79 14.71 -8.86
C SER A 192 4.30 13.30 -9.03
N ALA A 193 3.39 12.34 -8.89
CA ALA A 193 3.71 10.95 -9.18
C ALA A 193 4.14 10.82 -10.64
N TYR A 194 5.17 10.01 -10.86
CA TYR A 194 5.60 9.73 -12.23
C TYR A 194 5.03 8.39 -12.70
N THR A 195 4.14 8.44 -13.68
CA THR A 195 3.34 7.28 -14.04
C THR A 195 3.77 6.57 -15.33
N GLY A 196 4.78 7.12 -16.01
CA GLY A 196 5.19 6.59 -17.31
C GLY A 196 6.30 5.55 -17.26
N ASP A 197 6.81 5.22 -18.45
CA ASP A 197 7.91 4.27 -18.57
CA ASP A 197 7.91 4.26 -18.57
C ASP A 197 9.21 4.91 -18.10
N GLY A 198 10.25 4.11 -17.88
CA GLY A 198 11.49 4.66 -17.41
C GLY A 198 12.48 3.57 -17.11
N ILE A 199 13.35 3.84 -16.15
CA ILE A 199 14.44 2.96 -15.81
C ILE A 199 14.44 2.77 -14.29
N LEU A 200 14.55 1.53 -13.85
CA LEU A 200 14.45 1.21 -12.43
C LEU A 200 15.65 1.72 -11.64
N VAL A 201 15.35 2.35 -10.52
CA VAL A 201 16.33 2.85 -9.57
C VAL A 201 15.89 2.44 -8.16
N ASN A 202 16.85 2.39 -7.23
CA ASN A 202 16.55 2.08 -5.82
C ASN A 202 15.81 0.75 -5.64
N SER A 203 16.10 -0.20 -6.52
CA SER A 203 15.33 -1.44 -6.63
C SER A 203 16.23 -2.66 -6.81
N ASP A 204 17.43 -2.61 -6.23
CA ASP A 204 18.32 -3.79 -6.15
C ASP A 204 18.46 -4.50 -7.50
N TYR A 205 18.01 -5.75 -7.59
CA TYR A 205 18.22 -6.58 -8.80
C TYR A 205 17.38 -6.14 -10.00
N LEU A 206 16.51 -5.15 -9.82
CA LEU A 206 15.78 -4.58 -10.96
C LEU A 206 16.50 -3.38 -11.57
N ASN A 207 17.50 -2.84 -10.89
CA ASN A 207 18.11 -1.56 -11.30
C ASN A 207 18.59 -1.59 -12.74
N GLY A 208 18.26 -0.55 -13.48
CA GLY A 208 18.70 -0.41 -14.86
C GLY A 208 17.72 -0.97 -15.87
N MET A 209 16.76 -1.77 -15.41
CA MET A 209 15.74 -2.33 -16.30
C MET A 209 14.69 -1.30 -16.72
N SER A 210 14.11 -1.52 -17.90
CA SER A 210 12.88 -0.82 -18.31
C SER A 210 11.71 -1.31 -17.46
N VAL A 211 10.59 -0.59 -17.48
CA VAL A 211 9.40 -1.03 -16.77
C VAL A 211 8.92 -2.43 -17.24
N PRO A 212 8.82 -2.67 -18.57
CA PRO A 212 8.35 -4.01 -18.98
C PRO A 212 9.28 -5.13 -18.53
N ALA A 213 10.60 -4.90 -18.59
CA ALA A 213 11.56 -5.91 -18.14
C ALA A 213 11.46 -6.14 -16.63
N ALA A 214 11.32 -5.06 -15.87
CA ALA A 214 11.22 -5.14 -14.42
C ALA A 214 9.95 -5.85 -13.99
N LYS A 215 8.85 -5.64 -14.71
CA LYS A 215 7.60 -6.36 -14.41
C LYS A 215 7.82 -7.87 -14.51
N ARG A 216 8.47 -8.31 -15.60
CA ARG A 216 8.73 -9.73 -15.78
CA ARG A 216 8.78 -9.73 -15.81
C ARG A 216 9.67 -10.27 -14.69
N ALA A 217 10.73 -9.53 -14.37
CA ALA A 217 11.71 -9.97 -13.39
C ALA A 217 11.11 -10.10 -11.99
N ILE A 218 10.32 -9.12 -11.57
CA ILE A 218 9.75 -9.16 -10.22
C ILE A 218 8.69 -10.24 -10.07
N VAL A 219 7.90 -10.48 -11.12
CA VAL A 219 6.94 -11.58 -11.09
C VAL A 219 7.67 -12.92 -10.98
N ASP A 220 8.76 -13.06 -11.74
CA ASP A 220 9.61 -14.24 -11.66
CA ASP A 220 9.61 -14.24 -11.66
C ASP A 220 10.08 -14.44 -10.20
N ARG A 221 10.54 -13.37 -9.57
CA ARG A 221 11.03 -13.44 -8.19
CA ARG A 221 11.02 -13.43 -8.20
C ARG A 221 9.90 -13.83 -7.23
N LEU A 222 8.74 -13.19 -7.38
CA LEU A 222 7.58 -13.51 -6.55
C LEU A 222 7.17 -14.98 -6.69
N GLU A 223 7.16 -15.47 -7.92
CA GLU A 223 6.83 -16.87 -8.17
C GLU A 223 7.86 -17.80 -7.55
N SER A 224 9.15 -17.48 -7.70
CA SER A 224 10.19 -18.35 -7.14
C SER A 224 10.11 -18.43 -5.61
N ALA A 225 9.64 -17.35 -4.99
CA ALA A 225 9.49 -17.27 -3.55
C ALA A 225 8.13 -17.80 -3.07
N GLY A 226 7.23 -18.04 -4.01
CA GLY A 226 5.87 -18.51 -3.70
C GLY A 226 4.95 -17.42 -3.14
N ARG A 227 5.27 -16.15 -3.44
CA ARG A 227 4.60 -15.03 -2.79
C ARG A 227 3.77 -14.17 -3.75
N GLY A 228 3.65 -14.60 -5.01
CA GLY A 228 2.82 -13.86 -5.95
C GLY A 228 2.66 -14.57 -7.28
N ARG A 229 1.81 -13.99 -8.12
CA ARG A 229 1.48 -14.54 -9.43
C ARG A 229 1.18 -13.40 -10.39
N ALA A 230 1.46 -13.61 -11.67
CA ALA A 230 0.90 -12.76 -12.72
C ALA A 230 -0.60 -13.03 -12.84
N ARG A 231 -1.39 -11.98 -13.04
N ARG A 231 -1.35 -11.96 -13.09
CA ARG A 231 -2.84 -12.13 -13.23
CA ARG A 231 -2.78 -12.05 -13.30
C ARG A 231 -3.38 -11.11 -14.25
C ARG A 231 -3.20 -11.20 -14.50
N ILE A 232 -4.32 -11.56 -15.09
CA ILE A 232 -4.95 -10.72 -16.15
C ILE A 232 -5.63 -9.51 -15.52
#